data_4Z7E
#
_entry.id   4Z7E
#
_cell.length_a   45.960
_cell.length_b   62.870
_cell.length_c   97.020
_cell.angle_alpha   90.00
_cell.angle_beta   91.71
_cell.angle_gamma   90.00
#
_symmetry.space_group_name_H-M   'P 1 21 1'
#
loop_
_entity.id
_entity.type
_entity.pdbx_description
1 polymer 'Lmo1422 protein'
2 non-polymer 'PROPANOIC ACID'
3 non-polymer 'PENTAETHYLENE GLYCOL'
4 non-polymer DI(HYDROXYETHYL)ETHER
5 water water
#
_entity_poly.entity_id   1
_entity_poly.type   'polypeptide(L)'
_entity_poly.pdbx_seq_one_letter_code
;MHHHHHHHHHHGENLYFQGSDKKEITIAGKLGAEPEILINMYKLVIEDETDLKVNVKPNMGKTSFVFNALKSGDIDIYPE
FTGTVLETFLKENAKTHDPEEVYTQARDGLAKDFDMTYLKPMKYNNTYALAVSPEFAKENNLEKISDLGPVSDQVKAGFT
LEFKDRSDGYKGIQDKYGLTFSNLKTMEPKLRYNAIKSGDINLLDAYSTDSELAQYKLKVLEDDQQLFPPYQGAPLMLTK
TLDKYPELKKPLNKLAGKITDDEMRKMNYEVNVNGKSAYTVAKDYLKDQGIIK
;
_entity_poly.pdbx_strand_id   A,B
#
loop_
_chem_comp.id
_chem_comp.type
_chem_comp.name
_chem_comp.formula
1PE non-polymer 'PENTAETHYLENE GLYCOL' 'C10 H22 O6'
PEG non-polymer DI(HYDROXYETHYL)ETHER 'C4 H10 O3'
PPI non-polymer 'PROPANOIC ACID' 'C3 H6 O2'
#
# COMPACT_ATOMS: atom_id res chain seq x y z
N GLU A 24 -13.34 27.36 -19.72
N GLU A 24 -13.20 27.25 -19.41
CA GLU A 24 -14.70 27.81 -19.53
CA GLU A 24 -14.42 27.91 -18.97
C GLU A 24 -15.63 26.64 -19.18
C GLU A 24 -15.50 26.89 -18.69
N ILE A 25 -15.06 25.64 -18.53
CA ILE A 25 -15.85 24.64 -17.84
C ILE A 25 -15.68 25.01 -16.36
N THR A 26 -16.78 25.26 -15.68
CA THR A 26 -16.74 25.69 -14.29
C THR A 26 -16.99 24.49 -13.38
N ILE A 27 -16.01 24.18 -12.55
CA ILE A 27 -16.08 23.05 -11.59
C ILE A 27 -16.03 23.59 -10.18
N ALA A 28 -17.12 23.36 -9.45
CA ALA A 28 -17.25 23.83 -8.06
C ALA A 28 -17.11 22.68 -7.07
N GLY A 29 -16.76 23.01 -5.83
CA GLY A 29 -16.72 22.04 -4.75
C GLY A 29 -17.60 22.52 -3.63
N LYS A 30 -18.13 21.57 -2.88
CA LYS A 30 -18.79 21.91 -1.62
C LYS A 30 -17.74 22.32 -0.65
N LEU A 31 -18.13 22.61 0.60
CA LEU A 31 -17.15 23.16 1.53
C LEU A 31 -16.13 22.12 2.00
N GLY A 32 -14.87 22.52 2.08
CA GLY A 32 -13.83 21.71 2.71
C GLY A 32 -12.66 21.31 1.86
N ALA A 33 -11.63 20.78 2.54
CA ALA A 33 -10.39 20.37 1.87
C ALA A 33 -10.61 19.26 0.84
N GLU A 34 -11.41 18.26 1.20
CA GLU A 34 -11.64 17.10 0.33
C GLU A 34 -12.21 17.50 -1.05
N PRO A 35 -13.37 18.17 -1.08
CA PRO A 35 -13.88 18.61 -2.40
C PRO A 35 -12.93 19.56 -3.13
N GLU A 36 -12.14 20.35 -2.42
CA GLU A 36 -11.17 21.22 -3.08
C GLU A 36 -10.07 20.39 -3.74
N ILE A 37 -9.66 19.31 -3.09
CA ILE A 37 -8.70 18.39 -3.71
C ILE A 37 -9.33 17.80 -4.98
N LEU A 38 -10.55 17.33 -4.86
CA LEU A 38 -11.21 16.67 -5.98
C LEU A 38 -11.40 17.58 -7.18
N ILE A 39 -11.88 18.80 -7.00
CA ILE A 39 -12.10 19.63 -8.17
C ILE A 39 -10.77 20.00 -8.83
N ASN A 40 -9.70 20.05 -8.05
CA ASN A 40 -8.40 20.31 -8.66
C ASN A 40 -7.93 19.08 -9.46
N MET A 41 -8.24 17.88 -8.97
CA MET A 41 -8.04 16.68 -9.77
C MET A 41 -8.83 16.73 -11.06
N TYR A 42 -10.08 17.16 -11.00
CA TYR A 42 -10.88 17.19 -12.22
C TYR A 42 -10.22 18.15 -13.24
N LYS A 43 -9.79 19.30 -12.75
N LYS A 43 -9.80 19.32 -12.75
CA LYS A 43 -9.10 20.28 -13.59
CA LYS A 43 -9.09 20.29 -13.60
C LYS A 43 -7.83 19.69 -14.22
C LYS A 43 -7.84 19.68 -14.21
N LEU A 44 -7.05 18.98 -13.40
CA LEU A 44 -5.79 18.43 -13.83
C LEU A 44 -5.96 17.38 -14.91
N VAL A 45 -6.88 16.44 -14.73
CA VAL A 45 -7.08 15.44 -15.78
C VAL A 45 -7.71 16.01 -17.07
N ILE A 46 -8.70 16.89 -16.93
CA ILE A 46 -9.34 17.49 -18.09
C ILE A 46 -8.32 18.30 -18.90
N GLU A 47 -7.47 19.08 -18.22
CA GLU A 47 -6.49 19.91 -18.95
C GLU A 47 -5.34 19.09 -19.53
N ASP A 48 -5.02 17.95 -18.90
CA ASP A 48 -3.96 17.09 -19.39
C ASP A 48 -4.42 16.40 -20.65
N GLU A 49 -5.72 16.15 -20.79
CA GLU A 49 -6.16 15.28 -21.91
C GLU A 49 -6.93 16.02 -23.01
N THR A 50 -7.36 17.25 -22.73
CA THR A 50 -8.14 18.04 -23.68
C THR A 50 -7.68 19.48 -23.76
N ASP A 51 -8.25 20.22 -24.69
CA ASP A 51 -7.95 21.63 -24.80
C ASP A 51 -8.95 22.48 -24.06
N LEU A 52 -9.82 21.87 -23.26
CA LEU A 52 -10.79 22.63 -22.48
C LEU A 52 -10.08 23.37 -21.35
N LYS A 53 -10.57 24.55 -21.01
CA LYS A 53 -9.97 25.30 -19.91
C LYS A 53 -10.92 25.22 -18.74
N VAL A 54 -10.37 24.91 -17.58
CA VAL A 54 -11.19 24.70 -16.38
C VAL A 54 -10.97 25.79 -15.33
N ASN A 55 -12.07 26.35 -14.86
N ASN A 55 -12.09 26.30 -14.84
CA ASN A 55 -12.02 27.26 -13.74
CA ASN A 55 -12.09 27.26 -13.75
C ASN A 55 -12.62 26.59 -12.51
C ASN A 55 -12.63 26.57 -12.51
N VAL A 56 -11.83 26.49 -11.45
CA VAL A 56 -12.30 25.86 -10.20
C VAL A 56 -12.92 26.90 -9.28
N LYS A 57 -13.96 26.47 -8.56
CA LYS A 57 -14.67 27.32 -7.60
C LYS A 57 -14.75 26.55 -6.28
N PRO A 58 -13.66 26.60 -5.52
CA PRO A 58 -13.63 25.88 -4.24
C PRO A 58 -14.60 26.46 -3.23
N ASN A 59 -15.10 25.60 -2.35
CA ASN A 59 -15.82 26.09 -1.18
C ASN A 59 -17.01 26.93 -1.56
N MET A 60 -17.75 26.46 -2.55
CA MET A 60 -18.82 27.24 -3.13
C MET A 60 -19.95 27.37 -2.12
N GLY A 61 -20.25 26.27 -1.43
CA GLY A 61 -21.40 26.20 -0.56
C GLY A 61 -21.81 24.79 -0.23
N LYS A 62 -22.93 24.65 0.46
CA LYS A 62 -23.39 23.35 0.91
C LYS A 62 -24.11 22.62 -0.22
N THR A 63 -24.50 21.39 0.05
CA THR A 63 -25.09 20.49 -0.96
C THR A 63 -26.27 21.10 -1.71
N SER A 64 -27.27 21.61 -1.00
CA SER A 64 -28.47 22.12 -1.67
C SER A 64 -28.17 23.29 -2.62
N PHE A 65 -27.23 24.15 -2.20
CA PHE A 65 -26.86 25.35 -2.95
C PHE A 65 -26.07 24.98 -4.22
N VAL A 66 -25.14 24.04 -4.05
CA VAL A 66 -24.29 23.64 -5.17
C VAL A 66 -25.09 22.83 -6.18
N PHE A 67 -25.97 21.96 -5.71
CA PHE A 67 -26.84 21.22 -6.61
C PHE A 67 -27.73 22.19 -7.38
N ASN A 68 -28.27 23.20 -6.69
CA ASN A 68 -29.08 24.16 -7.42
C ASN A 68 -28.27 24.92 -8.46
N ALA A 69 -27.02 25.22 -8.16
CA ALA A 69 -26.18 25.97 -9.11
C ALA A 69 -25.95 25.12 -10.35
N LEU A 70 -25.85 23.79 -10.17
CA LEU A 70 -25.65 22.91 -11.31
C LEU A 70 -26.91 22.88 -12.16
N LYS A 71 -28.06 22.78 -11.49
CA LYS A 71 -29.33 22.66 -12.20
C LYS A 71 -29.61 23.94 -13.01
N SER A 72 -29.11 25.05 -12.49
CA SER A 72 -29.38 26.37 -13.07
C SER A 72 -28.35 26.78 -14.09
N GLY A 73 -27.37 25.92 -14.33
CA GLY A 73 -26.32 26.24 -15.28
C GLY A 73 -25.30 27.25 -14.78
N ASP A 74 -25.32 27.56 -13.49
CA ASP A 74 -24.31 28.45 -12.93
C ASP A 74 -22.91 27.81 -12.83
N ILE A 75 -22.86 26.48 -12.68
CA ILE A 75 -21.60 25.73 -12.71
C ILE A 75 -21.82 24.56 -13.64
N ASP A 76 -20.74 23.89 -14.05
CA ASP A 76 -20.85 22.81 -15.01
C ASP A 76 -20.67 21.42 -14.43
N ILE A 77 -19.84 21.31 -13.40
CA ILE A 77 -19.55 20.01 -12.77
C ILE A 77 -19.32 20.24 -11.28
N TYR A 78 -19.72 19.28 -10.44
CA TYR A 78 -19.20 19.25 -9.09
C TYR A 78 -19.15 17.78 -8.60
N PRO A 79 -18.32 17.52 -7.58
CA PRO A 79 -18.26 16.15 -7.02
C PRO A 79 -19.38 15.91 -6.02
N GLU A 80 -20.13 14.82 -6.19
CA GLU A 80 -21.26 14.51 -5.31
C GLU A 80 -21.17 13.07 -4.85
N PHE A 81 -21.70 12.82 -3.66
CA PHE A 81 -21.64 11.50 -3.02
C PHE A 81 -22.82 10.61 -3.37
N THR A 82 -22.59 9.32 -3.55
CA THR A 82 -23.66 8.41 -3.98
C THR A 82 -24.84 8.35 -2.99
N GLY A 83 -24.55 8.13 -1.72
CA GLY A 83 -25.60 8.10 -0.72
C GLY A 83 -26.32 9.45 -0.57
N THR A 84 -25.62 10.54 -0.79
CA THR A 84 -26.24 11.88 -0.75
C THR A 84 -27.26 12.05 -1.88
N VAL A 85 -26.96 11.52 -3.06
CA VAL A 85 -27.91 11.53 -4.16
C VAL A 85 -29.24 10.86 -3.79
N LEU A 86 -29.16 9.66 -3.21
CA LEU A 86 -30.38 8.93 -2.89
C LEU A 86 -31.21 9.66 -1.86
N GLU A 87 -30.58 10.12 -0.80
CA GLU A 87 -31.34 10.72 0.31
C GLU A 87 -31.76 12.16 0.04
N THR A 88 -30.98 12.91 -0.74
CA THR A 88 -31.25 14.34 -0.89
C THR A 88 -32.03 14.68 -2.17
N PHE A 89 -31.63 14.10 -3.28
CA PHE A 89 -32.19 14.49 -4.59
C PHE A 89 -33.27 13.52 -5.07
N LEU A 90 -33.03 12.22 -4.97
CA LEU A 90 -33.99 11.22 -5.41
C LEU A 90 -35.02 10.90 -4.32
N LYS A 91 -34.64 11.10 -3.06
CA LYS A 91 -35.53 10.78 -1.94
C LYS A 91 -36.01 9.33 -2.08
N GLU A 92 -35.05 8.44 -2.27
CA GLU A 92 -35.32 7.02 -2.41
C GLU A 92 -34.49 6.28 -1.37
N ASN A 93 -35.04 5.20 -0.83
CA ASN A 93 -34.27 4.36 0.06
C ASN A 93 -33.38 3.41 -0.75
N ALA A 94 -32.15 3.24 -0.29
CA ALA A 94 -31.26 2.27 -0.88
C ALA A 94 -31.70 0.89 -0.39
N LYS A 95 -31.89 -0.04 -1.31
CA LYS A 95 -32.30 -1.38 -0.93
C LYS A 95 -31.15 -2.07 -0.19
N THR A 96 -29.92 -1.61 -0.46
CA THR A 96 -28.72 -2.24 0.07
C THR A 96 -27.68 -1.23 0.47
N HIS A 97 -26.63 -1.73 1.12
CA HIS A 97 -25.45 -0.93 1.44
C HIS A 97 -24.28 -1.29 0.54
N ASP A 98 -24.53 -2.04 -0.53
CA ASP A 98 -23.46 -2.36 -1.45
C ASP A 98 -23.11 -1.12 -2.26
N PRO A 99 -21.83 -0.70 -2.23
CA PRO A 99 -21.44 0.56 -2.87
C PRO A 99 -21.79 0.62 -4.36
N GLU A 100 -21.57 -0.46 -5.11
CA GLU A 100 -21.86 -0.40 -6.53
C GLU A 100 -23.36 -0.36 -6.81
N GLU A 101 -24.16 -1.07 -6.02
CA GLU A 101 -25.60 -1.02 -6.24
C GLU A 101 -26.16 0.37 -5.92
N VAL A 102 -25.62 1.01 -4.88
CA VAL A 102 -26.03 2.37 -4.57
C VAL A 102 -25.65 3.37 -5.68
N TYR A 103 -24.43 3.24 -6.21
CA TYR A 103 -24.04 4.10 -7.31
C TYR A 103 -24.95 3.94 -8.49
N THR A 104 -25.20 2.68 -8.89
CA THR A 104 -26.08 2.42 -10.03
C THR A 104 -27.45 3.05 -9.83
N GLN A 105 -27.96 2.97 -8.61
CA GLN A 105 -29.22 3.60 -8.26
C GLN A 105 -29.15 5.12 -8.38
N ALA A 106 -28.08 5.72 -7.88
CA ALA A 106 -27.91 7.17 -7.98
C ALA A 106 -27.82 7.62 -9.44
N ARG A 107 -26.98 6.94 -10.19
CA ARG A 107 -26.77 7.33 -11.58
C ARG A 107 -28.02 7.18 -12.46
N ASP A 108 -28.71 6.06 -12.35
CA ASP A 108 -29.93 5.86 -13.14
C ASP A 108 -31.00 6.89 -12.75
N GLY A 109 -31.10 7.19 -11.45
CA GLY A 109 -32.07 8.15 -10.97
C GLY A 109 -31.79 9.59 -11.42
N LEU A 110 -30.52 9.96 -11.41
CA LEU A 110 -30.15 11.31 -11.81
C LEU A 110 -30.40 11.49 -13.29
N ALA A 111 -30.15 10.44 -14.07
CA ALA A 111 -30.30 10.51 -15.51
C ALA A 111 -31.77 10.72 -15.85
N LYS A 112 -32.62 10.01 -15.14
CA LYS A 112 -34.04 9.99 -15.43
C LYS A 112 -34.75 11.21 -14.88
N ASP A 113 -34.53 11.51 -13.60
CA ASP A 113 -35.31 12.51 -12.89
C ASP A 113 -34.75 13.92 -13.01
N PHE A 114 -33.49 14.02 -13.40
CA PHE A 114 -32.82 15.32 -13.43
C PHE A 114 -32.06 15.59 -14.71
N ASP A 115 -32.15 14.66 -15.67
CA ASP A 115 -31.36 14.75 -16.90
C ASP A 115 -29.91 15.07 -16.59
N MET A 116 -29.35 14.33 -15.63
CA MET A 116 -27.99 14.55 -15.14
C MET A 116 -27.18 13.28 -15.35
N THR A 117 -25.92 13.48 -15.71
CA THR A 117 -25.00 12.37 -15.90
C THR A 117 -24.06 12.31 -14.70
N TYR A 118 -24.07 11.17 -14.05
CA TYR A 118 -23.27 10.92 -12.87
C TYR A 118 -22.25 9.88 -13.31
N LEU A 119 -20.99 10.28 -13.39
CA LEU A 119 -19.95 9.42 -13.96
C LEU A 119 -19.47 8.44 -12.91
N LYS A 120 -18.46 7.63 -13.24
CA LYS A 120 -18.12 6.52 -12.35
C LYS A 120 -17.48 6.95 -11.05
N PRO A 121 -17.79 6.24 -9.96
CA PRO A 121 -17.29 6.73 -8.68
C PRO A 121 -15.84 6.34 -8.36
N MET A 122 -15.23 7.14 -7.50
CA MET A 122 -13.94 6.82 -6.92
C MET A 122 -14.10 5.71 -5.87
N LYS A 123 -13.00 5.22 -5.33
CA LYS A 123 -13.06 4.02 -4.48
C LYS A 123 -13.48 4.35 -3.05
N TYR A 124 -12.87 5.39 -2.49
CA TYR A 124 -13.08 5.67 -1.08
C TYR A 124 -14.54 5.86 -0.73
N ASN A 125 -14.87 5.43 0.49
CA ASN A 125 -16.23 5.47 0.96
C ASN A 125 -16.21 6.30 2.23
N ASN A 126 -16.59 7.56 2.09
CA ASN A 126 -16.57 8.49 3.21
C ASN A 126 -17.81 8.40 4.07
N THR A 127 -17.83 7.41 4.95
CA THR A 127 -18.98 7.18 5.79
C THR A 127 -18.49 7.11 7.22
N TYR A 128 -19.40 6.88 8.16
CA TYR A 128 -18.99 6.70 9.54
C TYR A 128 -17.90 5.67 9.67
N ALA A 129 -17.02 5.86 10.65
CA ALA A 129 -16.03 4.84 10.99
C ALA A 129 -15.74 4.83 12.49
N LEU A 130 -15.35 3.67 12.97
CA LEU A 130 -14.78 3.55 14.31
C LEU A 130 -13.30 3.39 14.19
N ALA A 131 -12.59 4.13 15.03
CA ALA A 131 -11.14 4.11 15.04
C ALA A 131 -10.68 3.97 16.47
N VAL A 132 -9.57 3.27 16.65
CA VAL A 132 -9.05 3.00 17.99
C VAL A 132 -7.59 3.44 18.11
N SER A 133 -7.12 3.62 19.34
CA SER A 133 -5.72 3.97 19.55
C SER A 133 -4.86 2.85 19.00
N PRO A 134 -3.64 3.18 18.54
CA PRO A 134 -2.79 2.09 18.03
C PRO A 134 -2.43 1.07 19.11
N GLU A 135 -2.28 1.53 20.35
N GLU A 135 -2.27 1.48 20.36
CA GLU A 135 -1.96 0.68 21.48
CA GLU A 135 -1.92 0.52 21.42
C GLU A 135 -3.04 -0.39 21.71
C GLU A 135 -3.06 -0.44 21.73
N PHE A 136 -4.31 0.02 21.63
CA PHE A 136 -5.45 -0.88 21.82
C PHE A 136 -5.54 -1.88 20.67
N ALA A 137 -5.26 -1.43 19.45
CA ALA A 137 -5.28 -2.30 18.29
C ALA A 137 -4.20 -3.37 18.40
N LYS A 138 -3.04 -2.98 18.93
CA LYS A 138 -1.90 -3.89 18.99
C LYS A 138 -2.14 -4.96 20.05
N GLU A 139 -2.62 -4.55 21.22
CA GLU A 139 -2.82 -5.49 22.31
C GLU A 139 -3.81 -6.59 21.90
N ASN A 140 -4.84 -6.20 21.14
CA ASN A 140 -5.96 -7.11 20.87
C ASN A 140 -6.17 -7.49 19.39
N ASN A 141 -5.18 -7.14 18.57
CA ASN A 141 -5.16 -7.51 17.17
C ASN A 141 -6.42 -7.08 16.43
N LEU A 142 -6.77 -5.82 16.62
CA LEU A 142 -8.02 -5.27 16.11
C LEU A 142 -7.90 -4.78 14.66
N GLU A 143 -8.75 -5.34 13.78
CA GLU A 143 -8.80 -4.95 12.37
C GLU A 143 -10.21 -4.54 11.94
N LYS A 144 -11.23 -5.18 12.50
CA LYS A 144 -12.62 -4.89 12.12
C LYS A 144 -13.50 -4.68 13.34
N ILE A 145 -14.64 -4.03 13.14
CA ILE A 145 -15.54 -3.68 14.23
C ILE A 145 -15.92 -4.94 15.00
N SER A 146 -16.15 -6.04 14.29
CA SER A 146 -16.56 -7.28 14.97
C SER A 146 -15.49 -7.82 15.93
N ASP A 147 -14.23 -7.43 15.74
CA ASP A 147 -13.16 -7.82 16.65
C ASP A 147 -13.32 -7.20 18.04
N LEU A 148 -14.18 -6.20 18.18
CA LEU A 148 -14.36 -5.55 19.47
C LEU A 148 -15.18 -6.40 20.44
N GLY A 149 -15.91 -7.39 19.94
CA GLY A 149 -16.82 -8.16 20.78
C GLY A 149 -16.16 -8.70 22.04
N PRO A 150 -15.07 -9.45 21.86
CA PRO A 150 -14.40 -10.08 23.01
C PRO A 150 -13.69 -9.09 23.95
N VAL A 151 -13.51 -7.86 23.50
CA VAL A 151 -12.83 -6.85 24.30
C VAL A 151 -13.72 -5.67 24.63
N SER A 152 -15.04 -5.86 24.53
CA SER A 152 -15.95 -4.72 24.66
C SER A 152 -15.85 -4.04 26.01
N ASP A 153 -15.59 -4.81 27.08
CA ASP A 153 -15.44 -4.19 28.39
C ASP A 153 -14.16 -3.38 28.56
N GLN A 154 -13.26 -3.47 27.59
CA GLN A 154 -12.01 -2.70 27.62
C GLN A 154 -12.15 -1.37 26.85
N VAL A 155 -13.24 -1.25 26.11
CA VAL A 155 -13.45 -0.06 25.30
C VAL A 155 -13.75 1.10 26.20
N LYS A 156 -13.07 2.21 25.95
CA LYS A 156 -13.34 3.50 26.57
C LYS A 156 -13.70 4.40 25.39
N ALA A 157 -14.99 4.59 25.15
CA ALA A 157 -15.45 5.27 23.93
C ALA A 157 -15.71 6.74 24.17
N GLY A 158 -15.34 7.54 23.16
CA GLY A 158 -15.64 8.96 23.12
C GLY A 158 -16.34 9.21 21.82
N PHE A 159 -17.66 9.35 21.90
CA PHE A 159 -18.46 9.55 20.70
C PHE A 159 -18.91 11.00 20.54
N THR A 160 -19.06 11.42 19.28
CA THR A 160 -19.79 12.65 18.99
C THR A 160 -21.24 12.42 19.41
N LEU A 161 -21.92 13.51 19.78
CA LEU A 161 -23.30 13.42 20.19
C LEU A 161 -24.17 12.82 19.10
N GLU A 162 -23.92 13.24 17.86
N GLU A 162 -23.88 13.22 17.86
CA GLU A 162 -24.70 12.71 16.74
CA GLU A 162 -24.65 12.75 16.73
C GLU A 162 -24.56 11.21 16.62
C GLU A 162 -24.55 11.23 16.60
N PHE A 163 -23.33 10.71 16.68
CA PHE A 163 -23.12 9.28 16.52
C PHE A 163 -23.75 8.53 17.66
N LYS A 164 -23.61 9.10 18.87
CA LYS A 164 -24.15 8.43 20.04
C LYS A 164 -25.66 8.29 19.95
N ASP A 165 -26.34 9.35 19.47
CA ASP A 165 -27.80 9.44 19.59
C ASP A 165 -28.62 9.12 18.32
N ARG A 166 -27.99 9.11 17.17
CA ARG A 166 -28.71 8.84 15.93
C ARG A 166 -28.98 7.37 15.79
N SER A 167 -30.15 7.02 15.27
CA SER A 167 -30.53 5.61 15.16
C SER A 167 -29.60 4.82 14.24
N ASP A 168 -28.87 5.51 13.37
CA ASP A 168 -27.93 4.86 12.43
C ASP A 168 -26.46 4.96 12.86
N GLY A 169 -26.24 5.31 14.13
CA GLY A 169 -24.89 5.44 14.67
C GLY A 169 -24.64 4.35 15.70
N TYR A 170 -24.45 4.75 16.96
CA TYR A 170 -24.11 3.77 18.00
C TYR A 170 -25.21 2.72 18.17
N LYS A 171 -26.47 3.13 18.03
CA LYS A 171 -27.57 2.16 18.05
C LYS A 171 -27.38 1.06 17.02
N GLY A 172 -26.88 1.42 15.83
CA GLY A 172 -26.60 0.42 14.81
C GLY A 172 -25.52 -0.58 15.22
N ILE A 173 -24.50 -0.06 15.91
CA ILE A 173 -23.42 -0.89 16.45
C ILE A 173 -24.00 -1.87 17.46
N GLN A 174 -24.92 -1.40 18.29
CA GLN A 174 -25.53 -2.25 19.31
C GLN A 174 -26.38 -3.35 18.66
N ASP A 175 -27.16 -2.98 17.66
CA ASP A 175 -28.08 -3.91 17.02
C ASP A 175 -27.40 -4.87 16.04
N LYS A 176 -26.55 -4.36 15.17
CA LYS A 176 -25.99 -5.19 14.10
C LYS A 176 -24.73 -5.94 14.51
N TYR A 177 -23.91 -5.33 15.37
CA TYR A 177 -22.69 -5.98 15.87
C TYR A 177 -22.86 -6.53 17.29
N GLY A 178 -23.93 -6.16 17.97
CA GLY A 178 -24.17 -6.72 19.30
C GLY A 178 -23.28 -6.13 20.37
N LEU A 179 -22.73 -4.96 20.08
CA LEU A 179 -21.76 -4.31 20.95
C LEU A 179 -22.36 -3.17 21.78
N THR A 180 -22.18 -3.24 23.08
CA THR A 180 -22.53 -2.16 23.98
C THR A 180 -21.27 -1.88 24.79
N PHE A 181 -20.93 -0.60 24.90
CA PHE A 181 -19.77 -0.14 25.63
C PHE A 181 -20.27 0.49 26.94
N SER A 182 -19.92 -0.12 28.07
CA SER A 182 -20.35 0.39 29.35
C SER A 182 -19.62 1.69 29.66
N ASN A 183 -18.42 1.84 29.13
CA ASN A 183 -17.61 3.02 29.34
C ASN A 183 -17.67 3.89 28.10
N LEU A 184 -18.52 4.91 28.16
CA LEU A 184 -18.85 5.72 27.00
C LEU A 184 -19.07 7.14 27.48
N LYS A 185 -18.36 8.09 26.87
CA LYS A 185 -18.54 9.51 27.15
C LYS A 185 -18.91 10.19 25.84
N THR A 186 -19.68 11.25 25.97
CA THR A 186 -19.94 12.16 24.88
C THR A 186 -19.02 13.35 25.08
N MET A 187 -18.40 13.80 24.00
CA MET A 187 -17.36 14.79 24.07
C MET A 187 -17.50 15.79 22.95
N GLU A 188 -17.12 17.02 23.23
CA GLU A 188 -17.03 18.01 22.17
C GLU A 188 -16.01 17.45 21.19
N PRO A 189 -16.40 17.34 19.91
CA PRO A 189 -15.65 16.55 18.92
C PRO A 189 -14.14 16.72 19.00
N LYS A 190 -13.67 17.97 19.08
CA LYS A 190 -12.25 18.25 19.12
C LYS A 190 -11.52 17.50 20.22
N LEU A 191 -12.02 17.64 21.44
CA LEU A 191 -11.34 17.14 22.63
C LEU A 191 -11.08 15.63 22.56
N ARG A 192 -11.85 14.92 21.75
CA ARG A 192 -11.70 13.47 21.66
C ARG A 192 -10.35 13.04 21.16
N TYR A 193 -9.77 13.77 20.22
CA TYR A 193 -8.49 13.35 19.69
C TYR A 193 -7.40 13.55 20.72
N ASN A 194 -7.51 14.61 21.51
CA ASN A 194 -6.58 14.80 22.62
C ASN A 194 -6.77 13.71 23.65
N ALA A 195 -8.02 13.32 23.88
CA ALA A 195 -8.35 12.27 24.85
C ALA A 195 -7.85 10.91 24.38
N ILE A 196 -7.92 10.65 23.08
CA ILE A 196 -7.43 9.38 22.56
C ILE A 196 -5.90 9.43 22.56
N LYS A 197 -5.34 10.61 22.30
CA LYS A 197 -3.91 10.78 22.38
C LYS A 197 -3.47 10.55 23.83
N SER A 198 -4.19 11.15 24.78
CA SER A 198 -3.81 11.04 26.19
C SER A 198 -4.17 9.71 26.82
N GLY A 199 -5.09 8.96 26.24
CA GLY A 199 -5.48 7.66 26.79
C GLY A 199 -6.76 7.68 27.61
N ASP A 200 -7.40 8.85 27.71
CA ASP A 200 -8.67 8.96 28.43
C ASP A 200 -9.76 8.12 27.72
N ILE A 201 -9.65 8.01 26.40
CA ILE A 201 -10.47 7.09 25.61
C ILE A 201 -9.58 6.27 24.70
N ASN A 202 -10.07 5.14 24.19
CA ASN A 202 -9.32 4.34 23.21
C ASN A 202 -10.09 4.04 21.93
N LEU A 203 -11.29 4.59 21.81
CA LEU A 203 -12.14 4.39 20.64
C LEU A 203 -12.94 5.66 20.39
N LEU A 204 -13.06 6.06 19.13
CA LEU A 204 -13.95 7.16 18.77
C LEU A 204 -14.62 6.88 17.44
N ASP A 205 -15.68 7.65 17.15
CA ASP A 205 -16.26 7.67 15.83
C ASP A 205 -15.75 8.87 15.04
N ALA A 206 -15.65 8.68 13.72
CA ALA A 206 -15.28 9.75 12.81
C ALA A 206 -15.92 9.46 11.45
N TYR A 207 -15.59 10.26 10.45
CA TYR A 207 -15.84 9.83 9.08
C TYR A 207 -14.52 9.27 8.52
N SER A 208 -14.63 8.29 7.64
CA SER A 208 -13.49 7.46 7.26
C SER A 208 -12.35 8.25 6.63
N THR A 209 -12.64 9.38 5.99
CA THR A 209 -11.57 10.18 5.36
C THR A 209 -11.09 11.40 6.17
N ASP A 210 -11.53 11.55 7.42
CA ASP A 210 -11.06 12.66 8.25
C ASP A 210 -9.54 12.67 8.45
N SER A 211 -8.92 13.82 8.20
CA SER A 211 -7.48 13.98 8.36
C SER A 211 -6.97 13.66 9.79
N GLU A 212 -7.81 13.92 10.79
CA GLU A 212 -7.43 13.64 12.17
C GLU A 212 -7.03 12.18 12.38
N LEU A 213 -7.60 11.27 11.60
CA LEU A 213 -7.38 9.84 11.79
C LEU A 213 -5.94 9.52 11.39
N ALA A 214 -5.47 10.21 10.36
CA ALA A 214 -4.08 10.08 9.94
C ALA A 214 -3.18 10.80 10.93
N GLN A 215 -3.61 11.97 11.39
CA GLN A 215 -2.81 12.83 12.24
C GLN A 215 -2.49 12.16 13.56
N TYR A 216 -3.47 11.48 14.11
CA TYR A 216 -3.34 10.83 15.42
C TYR A 216 -3.01 9.33 15.31
N LYS A 217 -2.69 8.90 14.09
CA LYS A 217 -2.17 7.57 13.83
C LYS A 217 -3.11 6.45 14.29
N LEU A 218 -4.41 6.71 14.22
CA LEU A 218 -5.39 5.74 14.71
C LEU A 218 -5.58 4.57 13.75
N LYS A 219 -6.00 3.44 14.30
CA LYS A 219 -6.32 2.28 13.50
C LYS A 219 -7.80 2.37 13.15
N VAL A 220 -8.08 2.51 11.87
CA VAL A 220 -9.47 2.64 11.41
C VAL A 220 -9.99 1.26 11.10
N LEU A 221 -11.03 0.84 11.84
CA LEU A 221 -11.58 -0.50 11.75
C LEU A 221 -12.46 -0.69 10.52
N GLU A 222 -12.40 -1.89 9.96
CA GLU A 222 -13.26 -2.26 8.84
C GLU A 222 -14.69 -2.46 9.34
N ASP A 223 -15.65 -1.88 8.62
CA ASP A 223 -17.06 -2.09 8.88
C ASP A 223 -17.45 -3.38 8.19
N ASP A 224 -17.10 -4.50 8.80
CA ASP A 224 -17.13 -5.79 8.12
C ASP A 224 -18.56 -6.28 7.91
N GLN A 225 -19.52 -5.68 8.59
CA GLN A 225 -20.91 -6.07 8.42
C GLN A 225 -21.69 -5.08 7.55
N GLN A 226 -20.98 -4.10 6.99
CA GLN A 226 -21.57 -3.07 6.13
C GLN A 226 -22.79 -2.44 6.79
N LEU A 227 -22.62 -2.03 8.07
CA LEU A 227 -23.66 -1.34 8.81
C LEU A 227 -23.87 0.07 8.25
N PHE A 228 -22.78 0.72 7.87
CA PHE A 228 -22.84 2.13 7.49
C PHE A 228 -23.15 2.28 6.00
N PRO A 229 -23.98 3.26 5.64
CA PRO A 229 -24.34 3.42 4.22
C PRO A 229 -23.19 4.00 3.41
N PRO A 230 -23.09 3.61 2.13
CA PRO A 230 -21.95 4.07 1.32
C PRO A 230 -22.11 5.49 0.76
N TYR A 231 -20.99 6.21 0.79
CA TYR A 231 -20.88 7.55 0.18
C TYR A 231 -19.59 7.63 -0.59
N GLN A 232 -19.70 7.35 -1.88
CA GLN A 232 -18.57 7.47 -2.78
C GLN A 232 -18.78 8.72 -3.62
N GLY A 233 -17.68 9.39 -3.93
CA GLY A 233 -17.74 10.59 -4.74
C GLY A 233 -17.68 10.28 -6.24
N ALA A 234 -18.38 11.07 -7.02
CA ALA A 234 -18.30 10.95 -8.48
C ALA A 234 -18.66 12.29 -9.11
N PRO A 235 -18.23 12.52 -10.36
CA PRO A 235 -18.59 13.78 -11.02
C PRO A 235 -20.06 13.83 -11.43
N LEU A 236 -20.66 14.98 -11.17
CA LEU A 236 -22.06 15.20 -11.48
C LEU A 236 -22.13 16.41 -12.40
N MET A 237 -22.81 16.23 -13.53
CA MET A 237 -23.09 17.33 -14.47
C MET A 237 -24.44 17.13 -15.16
N LEU A 238 -24.95 18.18 -15.81
CA LEU A 238 -26.12 18.02 -16.67
C LEU A 238 -25.74 17.19 -17.91
N THR A 239 -26.64 16.34 -18.35
CA THR A 239 -26.36 15.50 -19.50
C THR A 239 -26.10 16.37 -20.73
N LYS A 240 -26.83 17.49 -20.83
CA LYS A 240 -26.66 18.39 -21.97
C LYS A 240 -25.24 18.96 -22.02
N THR A 241 -24.59 19.03 -20.86
CA THR A 241 -23.19 19.46 -20.78
C THR A 241 -22.28 18.41 -21.38
N LEU A 242 -22.50 17.15 -21.05
CA LEU A 242 -21.66 16.10 -21.59
C LEU A 242 -21.91 15.98 -23.09
N ASP A 243 -23.16 16.18 -23.50
CA ASP A 243 -23.51 16.16 -24.93
C ASP A 243 -22.69 17.18 -25.69
N LYS A 244 -22.51 18.35 -25.09
CA LYS A 244 -21.79 19.44 -25.74
C LYS A 244 -20.27 19.28 -25.65
N TYR A 245 -19.80 18.71 -24.54
CA TYR A 245 -18.37 18.45 -24.36
C TYR A 245 -18.17 16.99 -24.03
N PRO A 246 -18.33 16.11 -25.04
CA PRO A 246 -18.13 14.68 -24.83
C PRO A 246 -16.73 14.34 -24.32
N GLU A 247 -15.76 15.20 -24.59
CA GLU A 247 -14.37 14.93 -24.22
C GLU A 247 -14.17 15.01 -22.70
N LEU A 248 -15.20 15.42 -21.96
CA LEU A 248 -15.11 15.42 -20.51
C LEU A 248 -15.10 14.03 -19.90
N LYS A 249 -15.69 13.07 -20.59
CA LYS A 249 -15.98 11.79 -19.97
C LYS A 249 -14.72 10.98 -19.68
N LYS A 250 -13.89 10.76 -20.70
CA LYS A 250 -12.72 9.92 -20.52
C LYS A 250 -11.74 10.43 -19.44
N PRO A 251 -11.45 11.74 -19.41
CA PRO A 251 -10.58 12.26 -18.36
C PRO A 251 -11.12 12.04 -16.95
N LEU A 252 -12.39 12.38 -16.74
CA LEU A 252 -12.97 12.26 -15.40
C LEU A 252 -13.06 10.80 -14.98
N ASN A 253 -13.30 9.90 -15.94
CA ASN A 253 -13.36 8.49 -15.60
C ASN A 253 -12.00 7.84 -15.33
N LYS A 254 -10.90 8.57 -15.50
CA LYS A 254 -9.60 8.04 -15.08
C LYS A 254 -9.53 7.91 -13.57
N LEU A 255 -10.37 8.66 -12.89
CA LEU A 255 -10.42 8.59 -11.42
C LEU A 255 -11.35 7.48 -10.94
N ALA A 256 -12.02 6.78 -11.85
CA ALA A 256 -12.96 5.74 -11.43
C ALA A 256 -12.24 4.62 -10.69
N GLY A 257 -12.74 4.28 -9.51
CA GLY A 257 -12.16 3.17 -8.78
C GLY A 257 -10.84 3.49 -8.13
N LYS A 258 -10.45 4.76 -8.20
CA LYS A 258 -9.22 5.26 -7.62
C LYS A 258 -9.46 5.95 -6.27
N ILE A 259 -8.37 6.09 -5.52
CA ILE A 259 -8.32 6.79 -4.24
C ILE A 259 -8.95 5.98 -3.09
N THR A 260 -8.11 5.28 -2.35
CA THR A 260 -8.59 4.50 -1.21
C THR A 260 -8.89 5.42 -0.05
N ASP A 261 -9.62 4.90 0.94
CA ASP A 261 -9.91 5.66 2.15
C ASP A 261 -8.62 6.22 2.72
N ASP A 262 -7.60 5.38 2.81
CA ASP A 262 -6.34 5.83 3.40
C ASP A 262 -5.62 6.88 2.54
N GLU A 263 -5.69 6.75 1.23
CA GLU A 263 -5.05 7.75 0.38
C GLU A 263 -5.74 9.09 0.55
N MET A 264 -7.07 9.07 0.71
CA MET A 264 -7.85 10.30 0.86
C MET A 264 -7.57 10.96 2.20
N ARG A 265 -7.46 10.13 3.25
CA ARG A 265 -7.04 10.58 4.58
C ARG A 265 -5.72 11.31 4.54
N LYS A 266 -4.74 10.72 3.87
CA LYS A 266 -3.41 11.30 3.76
C LYS A 266 -3.43 12.63 3.00
N MET A 267 -4.21 12.72 1.93
CA MET A 267 -4.30 13.97 1.18
C MET A 267 -5.03 15.06 1.97
N ASN A 268 -6.13 14.70 2.62
CA ASN A 268 -6.82 15.66 3.49
C ASN A 268 -5.87 16.19 4.56
N TYR A 269 -4.99 15.31 5.06
CA TYR A 269 -3.99 15.69 6.06
C TYR A 269 -2.99 16.72 5.50
N GLU A 270 -2.57 16.50 4.26
CA GLU A 270 -1.60 17.38 3.65
C GLU A 270 -2.14 18.80 3.58
N VAL A 271 -3.40 18.94 3.23
CA VAL A 271 -4.04 20.24 3.18
C VAL A 271 -4.33 20.80 4.57
N ASN A 272 -5.08 20.04 5.38
CA ASN A 272 -5.53 20.53 6.67
C ASN A 272 -4.43 20.72 7.71
N VAL A 273 -3.40 19.89 7.68
CA VAL A 273 -2.38 19.92 8.74
C VAL A 273 -1.02 20.44 8.27
N ASN A 274 -0.56 19.98 7.11
CA ASN A 274 0.75 20.40 6.60
C ASN A 274 0.67 21.70 5.80
N GLY A 275 -0.54 22.15 5.51
CA GLY A 275 -0.75 23.45 4.92
C GLY A 275 -0.53 23.52 3.43
N LYS A 276 -0.37 22.37 2.77
CA LYS A 276 -0.16 22.35 1.32
C LYS A 276 -1.44 22.73 0.57
N SER A 277 -1.28 23.21 -0.66
CA SER A 277 -2.44 23.61 -1.44
C SER A 277 -3.13 22.39 -2.03
N ALA A 278 -4.46 22.46 -2.13
CA ALA A 278 -5.23 21.36 -2.69
C ALA A 278 -4.74 21.03 -4.09
N TYR A 279 -4.33 22.05 -4.83
CA TYR A 279 -3.82 21.83 -6.18
C TYR A 279 -2.57 20.96 -6.18
N THR A 280 -1.61 21.33 -5.35
CA THR A 280 -0.37 20.56 -5.23
C THR A 280 -0.58 19.12 -4.75
N VAL A 281 -1.40 18.90 -3.72
CA VAL A 281 -1.56 17.52 -3.25
C VAL A 281 -2.27 16.70 -4.33
N ALA A 282 -3.21 17.32 -5.05
CA ALA A 282 -3.91 16.64 -6.15
C ALA A 282 -2.95 16.24 -7.27
N LYS A 283 -2.11 17.19 -7.67
CA LYS A 283 -1.18 16.96 -8.75
C LYS A 283 -0.18 15.87 -8.37
N ASP A 284 0.28 15.88 -7.12
CA ASP A 284 1.20 14.85 -6.64
C ASP A 284 0.59 13.48 -6.70
N TYR A 285 -0.67 13.37 -6.30
CA TYR A 285 -1.32 12.07 -6.29
C TYR A 285 -1.47 11.57 -7.71
N LEU A 286 -1.99 12.42 -8.58
CA LEU A 286 -2.19 12.01 -9.96
C LEU A 286 -0.88 11.61 -10.62
N LYS A 287 0.22 12.27 -10.27
CA LYS A 287 1.51 11.96 -10.87
C LYS A 287 2.01 10.63 -10.34
N ASP A 288 1.86 10.45 -9.03
CA ASP A 288 2.32 9.24 -8.38
C ASP A 288 1.55 8.03 -8.90
N GLN A 289 0.32 8.26 -9.35
CA GLN A 289 -0.52 7.19 -9.91
C GLN A 289 -0.32 6.98 -11.41
N GLY A 290 0.40 7.89 -12.04
CA GLY A 290 0.67 7.80 -13.46
C GLY A 290 -0.53 8.25 -14.28
N ILE A 291 -1.50 8.88 -13.62
CA ILE A 291 -2.68 9.39 -14.32
C ILE A 291 -2.30 10.64 -15.09
N ILE A 292 -1.36 11.40 -14.55
CA ILE A 292 -0.75 12.55 -15.21
C ILE A 292 0.76 12.35 -15.31
N LYS A 293 1.37 12.79 -16.40
CA LYS A 293 2.82 12.65 -16.57
C LYS A 293 3.58 13.84 -16.01
N GLU B 24 12.20 -28.19 18.98
N GLU B 24 9.90 -29.31 19.35
CA GLU B 24 11.16 -28.99 18.36
CA GLU B 24 11.03 -28.83 18.54
C GLU B 24 10.40 -28.17 17.32
C GLU B 24 10.61 -28.31 17.16
N ILE B 25 11.01 -27.06 16.88
CA ILE B 25 10.53 -26.34 15.70
C ILE B 25 11.56 -26.45 14.57
N THR B 26 11.12 -26.96 13.42
CA THR B 26 12.02 -27.17 12.29
C THR B 26 11.88 -26.03 11.29
N ILE B 27 12.98 -25.31 11.05
CA ILE B 27 12.99 -24.15 10.18
C ILE B 27 13.99 -24.42 9.06
N ALA B 28 13.49 -24.43 7.84
CA ALA B 28 14.31 -24.75 6.68
C ALA B 28 14.51 -23.54 5.81
N GLY B 29 15.55 -23.60 5.01
CA GLY B 29 15.83 -22.59 4.02
C GLY B 29 15.92 -23.20 2.63
N LYS B 30 15.56 -22.44 1.61
CA LYS B 30 15.91 -22.84 0.25
C LYS B 30 17.41 -22.73 0.10
N LEU B 31 17.92 -23.10 -1.08
CA LEU B 31 19.35 -23.02 -1.29
C LEU B 31 19.88 -21.59 -1.25
N GLY B 32 21.04 -21.43 -0.60
CA GLY B 32 21.75 -20.16 -0.62
C GLY B 32 22.14 -19.59 0.73
N ALA B 33 23.09 -18.65 0.70
CA ALA B 33 23.52 -17.92 1.88
C ALA B 33 22.40 -17.09 2.46
N GLU B 34 21.63 -16.40 1.62
CA GLU B 34 20.60 -15.50 2.13
C GLU B 34 19.56 -16.24 3.00
N PRO B 35 18.95 -17.32 2.49
CA PRO B 35 18.02 -18.02 3.37
C PRO B 35 18.69 -18.64 4.58
N GLU B 36 19.95 -19.03 4.48
CA GLU B 36 20.65 -19.59 5.64
C GLU B 36 20.82 -18.54 6.76
N ILE B 37 21.17 -17.33 6.36
CA ILE B 37 21.23 -16.22 7.30
C ILE B 37 19.87 -16.02 7.97
N LEU B 38 18.81 -15.99 7.18
CA LEU B 38 17.49 -15.70 7.74
C LEU B 38 17.03 -16.78 8.72
N ILE B 39 17.25 -18.06 8.40
CA ILE B 39 16.75 -19.08 9.31
C ILE B 39 17.54 -19.12 10.61
N ASN B 40 18.81 -18.71 10.57
CA ASN B 40 19.56 -18.55 11.78
C ASN B 40 19.07 -17.34 12.59
N MET B 41 18.65 -16.27 11.91
CA MET B 41 18.01 -15.17 12.65
C MET B 41 16.74 -15.69 13.32
N TYR B 42 15.92 -16.45 12.61
CA TYR B 42 14.69 -16.97 13.19
C TYR B 42 15.03 -17.80 14.43
N LYS B 43 15.99 -18.70 14.32
CA LYS B 43 16.41 -19.48 15.47
C LYS B 43 16.83 -18.61 16.64
N LEU B 44 17.66 -17.62 16.35
CA LEU B 44 18.21 -16.76 17.41
C LEU B 44 17.14 -15.97 18.15
N VAL B 45 16.18 -15.39 17.43
CA VAL B 45 15.13 -14.62 18.10
C VAL B 45 14.16 -15.54 18.84
N ILE B 46 13.80 -16.70 18.29
CA ILE B 46 12.87 -17.59 18.95
C ILE B 46 13.49 -18.10 20.23
N GLU B 47 14.77 -18.45 20.19
CA GLU B 47 15.44 -19.02 21.36
C GLU B 47 15.78 -17.97 22.42
N ASP B 48 15.95 -16.72 22.00
CA ASP B 48 16.19 -15.62 22.93
C ASP B 48 14.93 -15.29 23.71
N GLU B 49 13.77 -15.49 23.09
CA GLU B 49 12.52 -14.99 23.71
C GLU B 49 11.61 -16.07 24.28
N THR B 50 11.84 -17.32 23.90
CA THR B 50 10.96 -18.43 24.30
C THR B 50 11.78 -19.64 24.71
N ASP B 51 11.09 -20.63 25.27
CA ASP B 51 11.73 -21.88 25.64
C ASP B 51 11.74 -22.90 24.50
N LEU B 52 11.25 -22.50 23.33
CA LEU B 52 11.22 -23.43 22.19
C LEU B 52 12.61 -23.62 21.66
N LYS B 53 12.87 -24.84 21.20
CA LYS B 53 14.14 -25.18 20.60
C LYS B 53 13.92 -25.34 19.10
N VAL B 54 14.82 -24.73 18.35
CA VAL B 54 14.75 -24.72 16.90
C VAL B 54 15.88 -25.54 16.28
N ASN B 55 15.50 -26.35 15.29
N ASN B 55 15.48 -26.39 15.33
CA ASN B 55 16.46 -27.12 14.50
CA ASN B 55 16.40 -27.10 14.45
C ASN B 55 16.46 -26.52 13.10
C ASN B 55 16.41 -26.41 13.11
N VAL B 56 17.55 -25.85 12.73
CA VAL B 56 17.65 -25.27 11.39
C VAL B 56 18.11 -26.29 10.39
N LYS B 57 17.48 -26.21 9.22
CA LYS B 57 17.79 -27.08 8.08
C LYS B 57 18.15 -26.22 6.85
N PRO B 58 19.43 -25.84 6.76
CA PRO B 58 19.90 -25.06 5.63
C PRO B 58 19.86 -25.81 4.31
N ASN B 59 19.73 -25.06 3.22
CA ASN B 59 19.94 -25.63 1.89
C ASN B 59 19.10 -26.87 1.65
N MET B 60 17.84 -26.79 2.05
N MET B 60 17.84 -26.78 2.04
CA MET B 60 16.94 -27.96 1.99
CA MET B 60 16.95 -27.94 1.97
C MET B 60 16.62 -28.35 0.54
C MET B 60 16.67 -28.35 0.53
N GLY B 61 16.52 -27.36 -0.35
CA GLY B 61 16.18 -27.65 -1.73
C GLY B 61 15.51 -26.44 -2.37
N LYS B 62 14.91 -26.67 -3.52
CA LYS B 62 14.34 -25.60 -4.32
C LYS B 62 12.92 -25.25 -3.84
N THR B 63 12.39 -24.14 -4.33
CA THR B 63 11.06 -23.65 -3.94
C THR B 63 9.96 -24.71 -3.88
N SER B 64 9.75 -25.47 -4.94
CA SER B 64 8.63 -26.40 -4.94
C SER B 64 8.82 -27.46 -3.87
N PHE B 65 10.08 -27.87 -3.64
CA PHE B 65 10.34 -28.94 -2.72
C PHE B 65 10.13 -28.47 -1.28
N VAL B 66 10.58 -27.26 -0.98
CA VAL B 66 10.44 -26.72 0.36
C VAL B 66 8.98 -26.37 0.68
N PHE B 67 8.27 -25.79 -0.28
CA PHE B 67 6.86 -25.47 -0.08
C PHE B 67 6.08 -26.76 0.18
N ASN B 68 6.38 -27.82 -0.59
CA ASN B 68 5.68 -29.07 -0.39
C ASN B 68 5.98 -29.65 1.00
N ALA B 69 7.22 -29.52 1.44
CA ALA B 69 7.59 -29.97 2.78
C ALA B 69 6.81 -29.20 3.85
N LEU B 70 6.63 -27.92 3.67
CA LEU B 70 5.82 -27.15 4.62
C LEU B 70 4.37 -27.64 4.61
N LYS B 71 3.80 -27.76 3.42
CA LYS B 71 2.42 -28.20 3.26
C LYS B 71 2.19 -29.57 3.90
N SER B 72 3.19 -30.44 3.77
CA SER B 72 3.12 -31.83 4.26
C SER B 72 3.46 -32.01 5.74
N GLY B 73 3.99 -30.98 6.38
CA GLY B 73 4.36 -31.10 7.78
C GLY B 73 5.78 -31.58 8.05
N ASP B 74 6.60 -31.69 7.02
CA ASP B 74 7.99 -32.13 7.18
C ASP B 74 8.86 -31.05 7.81
N ILE B 75 8.49 -29.79 7.58
CA ILE B 75 9.12 -28.65 8.24
C ILE B 75 8.01 -27.76 8.80
N ASP B 76 8.36 -26.88 9.73
CA ASP B 76 7.39 -26.00 10.38
C ASP B 76 7.34 -24.55 9.85
N ILE B 77 8.49 -24.01 9.47
CA ILE B 77 8.62 -22.62 9.00
C ILE B 77 9.67 -22.56 7.93
N TYR B 78 9.47 -21.71 6.92
CA TYR B 78 10.59 -21.33 6.05
C TYR B 78 10.35 -19.90 5.58
N PRO B 79 11.42 -19.18 5.20
CA PRO B 79 11.26 -17.83 4.67
C PRO B 79 10.95 -17.85 3.19
N GLU B 80 9.88 -17.14 2.79
CA GLU B 80 9.45 -17.12 1.40
C GLU B 80 9.22 -15.68 0.92
N PHE B 81 9.40 -15.48 -0.39
CA PHE B 81 9.27 -14.15 -1.01
C PHE B 81 7.85 -13.84 -1.47
N THR B 82 7.45 -12.59 -1.28
CA THR B 82 6.09 -12.21 -1.59
C THR B 82 5.76 -12.45 -3.06
N GLY B 83 6.63 -11.97 -3.96
CA GLY B 83 6.41 -12.19 -5.38
C GLY B 83 6.33 -13.66 -5.78
N THR B 84 7.12 -14.50 -5.10
CA THR B 84 7.11 -15.92 -5.39
C THR B 84 5.77 -16.52 -5.02
N VAL B 85 5.20 -16.09 -3.90
CA VAL B 85 3.91 -16.60 -3.49
C VAL B 85 2.89 -16.35 -4.59
N LEU B 86 2.87 -15.15 -5.14
CA LEU B 86 1.89 -14.82 -6.19
C LEU B 86 2.13 -15.63 -7.45
N GLU B 87 3.37 -15.71 -7.90
CA GLU B 87 3.70 -16.32 -9.19
C GLU B 87 3.57 -17.84 -9.14
N THR B 88 3.95 -18.43 -8.00
CA THR B 88 4.16 -19.88 -7.93
C THR B 88 3.02 -20.62 -7.26
N PHE B 89 2.52 -20.10 -6.15
CA PHE B 89 1.56 -20.85 -5.35
C PHE B 89 0.13 -20.42 -5.61
N LEU B 90 -0.10 -19.12 -5.63
CA LEU B 90 -1.43 -18.58 -5.93
C LEU B 90 -1.69 -18.50 -7.43
N LYS B 91 -0.63 -18.37 -8.22
CA LYS B 91 -0.76 -18.26 -9.68
C LYS B 91 -1.72 -17.12 -10.02
N GLU B 92 -1.48 -15.99 -9.36
CA GLU B 92 -2.24 -14.77 -9.56
C GLU B 92 -1.27 -13.73 -10.07
N ASN B 93 -1.75 -12.84 -10.93
CA ASN B 93 -0.98 -11.67 -11.27
C ASN B 93 -0.98 -10.71 -10.09
N ALA B 94 0.12 -10.01 -9.90
CA ALA B 94 0.19 -8.96 -8.91
C ALA B 94 -0.67 -7.81 -9.39
N LYS B 95 -1.52 -7.31 -8.50
CA LYS B 95 -2.38 -6.18 -8.85
C LYS B 95 -1.53 -4.95 -9.13
N THR B 96 -0.52 -4.73 -8.31
CA THR B 96 0.44 -3.65 -8.53
C THR B 96 1.85 -4.12 -8.18
N HIS B 97 2.80 -3.18 -8.20
CA HIS B 97 4.16 -3.46 -7.77
C HIS B 97 4.47 -2.78 -6.44
N ASP B 98 3.43 -2.30 -5.78
CA ASP B 98 3.62 -1.76 -4.45
C ASP B 98 3.96 -2.90 -3.49
N PRO B 99 5.10 -2.82 -2.79
CA PRO B 99 5.50 -3.98 -1.96
C PRO B 99 4.45 -4.37 -0.91
N GLU B 100 3.87 -3.37 -0.25
CA GLU B 100 2.87 -3.62 0.77
C GLU B 100 1.61 -4.30 0.21
N GLU B 101 1.11 -3.82 -0.93
CA GLU B 101 -0.07 -4.42 -1.54
C GLU B 101 0.21 -5.85 -1.97
N VAL B 102 1.42 -6.10 -2.43
CA VAL B 102 1.79 -7.44 -2.87
C VAL B 102 1.86 -8.39 -1.68
N TYR B 103 2.44 -7.92 -0.57
CA TYR B 103 2.46 -8.71 0.65
C TYR B 103 1.02 -9.06 1.10
N THR B 104 0.15 -8.07 1.13
CA THR B 104 -1.24 -8.30 1.55
C THR B 104 -1.91 -9.32 0.65
N GLN B 105 -1.71 -9.20 -0.66
CA GLN B 105 -2.34 -10.12 -1.59
C GLN B 105 -1.80 -11.53 -1.34
N ALA B 106 -0.50 -11.62 -1.08
CA ALA B 106 0.13 -12.92 -0.82
C ALA B 106 -0.38 -13.52 0.47
N ARG B 107 -0.36 -12.74 1.54
CA ARG B 107 -0.85 -13.18 2.86
C ARG B 107 -2.29 -13.65 2.80
N ASP B 108 -3.13 -12.81 2.21
CA ASP B 108 -4.55 -13.11 2.14
C ASP B 108 -4.79 -14.38 1.34
N GLY B 109 -4.12 -14.52 0.20
CA GLY B 109 -4.28 -15.69 -0.65
C GLY B 109 -3.80 -16.96 0.02
N LEU B 110 -2.72 -16.89 0.78
CA LEU B 110 -2.18 -18.07 1.44
C LEU B 110 -3.08 -18.54 2.56
N ALA B 111 -3.68 -17.60 3.27
CA ALA B 111 -4.64 -17.95 4.31
C ALA B 111 -5.90 -18.61 3.71
N LYS B 112 -6.40 -18.03 2.61
CA LYS B 112 -7.64 -18.46 1.97
C LYS B 112 -7.49 -19.79 1.24
N ASP B 113 -6.35 -20.00 0.59
CA ASP B 113 -6.19 -21.14 -0.32
C ASP B 113 -5.29 -22.27 0.17
N PHE B 114 -4.47 -21.99 1.19
CA PHE B 114 -3.54 -23.01 1.71
C PHE B 114 -3.55 -23.17 3.22
N ASP B 115 -4.42 -22.43 3.91
CA ASP B 115 -4.46 -22.44 5.37
C ASP B 115 -3.05 -22.19 5.96
N MET B 116 -2.35 -21.26 5.33
CA MET B 116 -1.01 -20.84 5.78
C MET B 116 -1.03 -19.42 6.29
N THR B 117 -0.17 -19.17 7.29
CA THR B 117 0.06 -17.87 7.87
C THR B 117 1.40 -17.33 7.43
N TYR B 118 1.34 -16.16 6.78
CA TYR B 118 2.50 -15.50 6.24
C TYR B 118 2.70 -14.26 7.13
N LEU B 119 3.73 -14.26 7.98
CA LEU B 119 3.92 -13.17 8.93
C LEU B 119 4.50 -11.95 8.25
N LYS B 120 4.81 -10.90 9.03
CA LYS B 120 5.13 -9.62 8.40
C LYS B 120 6.47 -9.63 7.69
N PRO B 121 6.58 -8.91 6.56
CA PRO B 121 7.80 -8.99 5.78
C PRO B 121 8.92 -8.11 6.28
N MET B 122 10.13 -8.53 5.92
CA MET B 122 11.30 -7.70 6.10
C MET B 122 11.31 -6.58 5.09
N LYS B 123 12.27 -5.68 5.21
N LYS B 123 12.24 -5.64 5.23
CA LYS B 123 12.30 -4.46 4.39
CA LYS B 123 12.25 -4.47 4.35
C LYS B 123 12.90 -4.65 3.01
C LYS B 123 12.80 -4.79 2.97
N TYR B 124 13.97 -5.42 2.92
CA TYR B 124 14.66 -5.57 1.64
C TYR B 124 13.78 -6.19 0.56
N ASN B 125 14.07 -5.83 -0.69
CA ASN B 125 13.30 -6.24 -1.85
C ASN B 125 14.28 -6.85 -2.84
N ASN B 126 14.34 -8.17 -2.89
CA ASN B 126 15.34 -8.83 -3.68
C ASN B 126 14.85 -9.09 -5.09
N THR B 127 14.92 -8.05 -5.90
CA THR B 127 14.39 -8.13 -7.25
C THR B 127 15.48 -7.65 -8.20
N TYR B 128 15.18 -7.54 -9.48
CA TYR B 128 16.18 -7.05 -10.42
C TYR B 128 16.64 -5.64 -10.02
N ALA B 129 17.87 -5.30 -10.38
CA ALA B 129 18.47 -4.02 -10.03
C ALA B 129 19.46 -3.61 -11.09
N LEU B 130 19.57 -2.31 -11.30
CA LEU B 130 20.65 -1.76 -12.11
C LEU B 130 21.69 -1.12 -11.19
N ALA B 131 22.96 -1.32 -11.53
CA ALA B 131 24.06 -0.83 -10.70
C ALA B 131 25.12 -0.27 -11.61
N VAL B 132 25.80 0.78 -11.13
CA VAL B 132 26.81 1.47 -11.93
C VAL B 132 28.13 1.58 -11.19
N SER B 133 29.20 1.82 -11.94
CA SER B 133 30.51 2.02 -11.32
C SER B 133 30.44 3.27 -10.47
N PRO B 134 31.21 3.32 -9.37
CA PRO B 134 31.11 4.52 -8.53
C PRO B 134 31.60 5.78 -9.24
N GLU B 135 32.54 5.61 -10.16
CA GLU B 135 33.06 6.74 -10.92
C GLU B 135 31.96 7.32 -11.80
N PHE B 136 31.17 6.46 -12.45
CA PHE B 136 30.09 6.94 -13.31
C PHE B 136 29.00 7.60 -12.46
N ALA B 137 28.73 7.01 -11.29
CA ALA B 137 27.75 7.54 -10.35
C ALA B 137 28.14 8.91 -9.83
N LYS B 138 29.40 9.06 -9.44
CA LYS B 138 29.85 10.34 -8.90
C LYS B 138 29.83 11.43 -9.96
N GLU B 139 30.30 11.09 -11.16
CA GLU B 139 30.44 12.09 -12.22
C GLU B 139 29.08 12.67 -12.60
N ASN B 140 28.04 11.84 -12.50
CA ASN B 140 26.71 12.23 -12.97
C ASN B 140 25.63 12.21 -11.89
N ASN B 141 26.07 12.22 -10.63
CA ASN B 141 25.16 12.21 -9.47
C ASN B 141 24.03 11.21 -9.57
N LEU B 142 24.37 10.01 -10.01
CA LEU B 142 23.38 8.98 -10.25
C LEU B 142 22.94 8.32 -8.95
N GLU B 143 21.65 8.39 -8.65
CA GLU B 143 21.10 7.74 -7.48
C GLU B 143 19.90 6.85 -7.82
N LYS B 144 19.15 7.26 -8.85
CA LYS B 144 17.97 6.52 -9.26
C LYS B 144 18.04 6.19 -10.73
N ILE B 145 17.23 5.22 -11.16
CA ILE B 145 17.28 4.79 -12.55
C ILE B 145 16.97 5.97 -13.49
N SER B 146 16.02 6.82 -13.11
CA SER B 146 15.67 7.99 -13.92
C SER B 146 16.85 8.90 -14.21
N ASP B 147 17.80 8.98 -13.29
CA ASP B 147 18.97 9.84 -13.46
C ASP B 147 19.82 9.47 -14.68
N LEU B 148 19.66 8.25 -15.20
CA LEU B 148 20.39 7.82 -16.39
C LEU B 148 19.91 8.52 -17.65
N GLY B 149 18.69 9.07 -17.60
CA GLY B 149 18.07 9.72 -18.75
C GLY B 149 18.96 10.72 -19.45
N PRO B 150 19.35 11.79 -18.72
CA PRO B 150 20.20 12.85 -19.30
C PRO B 150 21.60 12.39 -19.75
N VAL B 151 22.07 11.23 -19.30
CA VAL B 151 23.39 10.74 -19.69
C VAL B 151 23.33 9.38 -20.40
N SER B 152 22.18 9.07 -20.99
CA SER B 152 21.96 7.80 -21.69
C SER B 152 23.11 7.46 -22.62
N ASP B 153 23.59 8.48 -23.33
N ASP B 153 23.59 8.46 -23.35
CA ASP B 153 24.64 8.27 -24.33
CA ASP B 153 24.64 8.25 -24.33
C ASP B 153 26.01 7.96 -23.72
C ASP B 153 25.97 7.83 -23.71
N GLN B 154 26.14 8.09 -22.41
CA GLN B 154 27.39 7.79 -21.74
C GLN B 154 27.35 6.39 -21.13
N VAL B 155 26.19 5.73 -21.18
CA VAL B 155 26.06 4.39 -20.59
C VAL B 155 26.72 3.32 -21.45
N LYS B 156 27.44 2.41 -20.79
CA LYS B 156 28.01 1.23 -21.44
C LYS B 156 27.52 0.05 -20.63
N ALA B 157 26.52 -0.65 -21.17
CA ALA B 157 25.78 -1.64 -20.39
C ALA B 157 26.20 -3.04 -20.75
N GLY B 158 26.37 -3.85 -19.70
CA GLY B 158 26.64 -5.27 -19.85
C GLY B 158 25.59 -6.02 -19.06
N PHE B 159 24.72 -6.72 -19.78
CA PHE B 159 23.57 -7.39 -19.17
C PHE B 159 23.70 -8.90 -19.26
N THR B 160 23.16 -9.61 -18.27
CA THR B 160 23.06 -11.06 -18.36
C THR B 160 22.06 -11.40 -19.45
N LEU B 161 22.13 -12.62 -19.98
CA LEU B 161 21.24 -13.03 -21.06
C LEU B 161 19.79 -12.94 -20.64
N GLU B 162 19.49 -13.42 -19.43
CA GLU B 162 18.11 -13.48 -18.99
C GLU B 162 17.48 -12.09 -18.82
N PHE B 163 18.20 -11.17 -18.20
CA PHE B 163 17.68 -9.82 -18.05
C PHE B 163 17.41 -9.17 -19.41
N LYS B 164 18.34 -9.35 -20.32
CA LYS B 164 18.21 -8.77 -21.67
C LYS B 164 16.88 -9.15 -22.32
N ASP B 165 16.50 -10.43 -22.19
CA ASP B 165 15.37 -10.97 -22.93
C ASP B 165 14.06 -10.91 -22.14
N ARG B 166 14.10 -11.38 -20.89
CA ARG B 166 12.93 -11.40 -20.01
C ARG B 166 12.13 -10.09 -20.10
N SER B 167 10.81 -10.23 -20.17
CA SER B 167 9.91 -9.09 -20.30
C SER B 167 10.01 -8.18 -19.09
N ASP B 168 10.31 -8.79 -17.94
CA ASP B 168 10.54 -8.05 -16.70
C ASP B 168 11.78 -7.17 -16.77
N GLY B 169 12.65 -7.45 -17.74
CA GLY B 169 14.00 -6.91 -17.74
C GLY B 169 14.21 -5.64 -18.53
N TYR B 170 15.16 -5.68 -19.46
CA TYR B 170 15.57 -4.50 -20.21
C TYR B 170 14.40 -3.93 -20.99
N LYS B 171 13.54 -4.83 -21.45
CA LYS B 171 12.31 -4.46 -22.14
C LYS B 171 11.51 -3.43 -21.35
N GLY B 172 11.39 -3.63 -20.04
CA GLY B 172 10.62 -2.74 -19.19
C GLY B 172 11.27 -1.39 -18.92
N ILE B 173 12.60 -1.35 -18.96
CA ILE B 173 13.36 -0.11 -18.79
C ILE B 173 13.00 0.89 -19.90
N GLN B 174 12.57 0.37 -21.04
CA GLN B 174 12.24 1.21 -22.19
C GLN B 174 10.90 1.91 -22.04
N ASP B 175 9.86 1.15 -21.76
CA ASP B 175 8.50 1.68 -21.71
C ASP B 175 8.35 2.63 -20.54
N LYS B 176 8.79 2.16 -19.38
CA LYS B 176 8.51 2.86 -18.14
C LYS B 176 9.47 4.01 -17.88
N TYR B 177 10.73 3.85 -18.27
CA TYR B 177 11.75 4.87 -18.00
C TYR B 177 12.14 5.68 -19.24
N GLY B 178 11.74 5.23 -20.42
CA GLY B 178 12.11 5.93 -21.65
C GLY B 178 13.61 5.93 -21.86
N LEU B 179 14.28 4.90 -21.35
CA LEU B 179 15.71 4.74 -21.54
C LEU B 179 16.00 3.64 -22.55
N THR B 180 16.82 3.96 -23.54
CA THR B 180 17.38 2.95 -24.43
C THR B 180 18.88 3.19 -24.51
N PHE B 181 19.65 2.11 -24.37
CA PHE B 181 21.12 2.20 -24.40
C PHE B 181 21.63 1.69 -25.74
N SER B 182 22.35 2.53 -26.47
CA SER B 182 22.87 2.14 -27.78
C SER B 182 24.08 1.22 -27.61
N ASN B 183 24.87 1.47 -26.56
CA ASN B 183 26.00 0.63 -26.24
C ASN B 183 25.54 -0.41 -25.23
N LEU B 184 25.01 -1.51 -25.74
CA LEU B 184 24.42 -2.59 -24.93
C LEU B 184 25.06 -3.89 -25.38
N LYS B 185 25.40 -4.74 -24.41
CA LYS B 185 26.19 -5.93 -24.68
C LYS B 185 25.73 -7.02 -23.72
N THR B 186 25.58 -8.24 -24.23
CA THR B 186 25.29 -9.41 -23.39
C THR B 186 26.58 -10.10 -22.97
N MET B 187 26.67 -10.50 -21.71
CA MET B 187 27.90 -11.10 -21.19
C MET B 187 27.64 -12.29 -20.28
N GLU B 188 28.62 -13.18 -20.19
CA GLU B 188 28.60 -14.23 -19.18
C GLU B 188 28.58 -13.54 -17.81
N PRO B 189 27.84 -14.12 -16.85
CA PRO B 189 27.67 -13.41 -15.56
C PRO B 189 28.96 -12.89 -14.91
N LYS B 190 29.98 -13.72 -14.78
CA LYS B 190 31.21 -13.26 -14.14
C LYS B 190 31.87 -12.17 -14.97
N LEU B 191 31.77 -12.27 -16.29
CA LEU B 191 32.47 -11.34 -17.16
C LEU B 191 31.93 -9.93 -17.07
N ARG B 192 30.67 -9.76 -16.70
CA ARG B 192 30.14 -8.40 -16.57
C ARG B 192 30.75 -7.67 -15.37
N TYR B 193 31.03 -8.39 -14.27
CA TYR B 193 31.71 -7.78 -13.13
C TYR B 193 33.17 -7.42 -13.44
N ASN B 194 33.86 -8.31 -14.14
CA ASN B 194 35.21 -7.99 -14.57
C ASN B 194 35.20 -6.77 -15.45
N ALA B 195 34.20 -6.67 -16.31
CA ALA B 195 34.11 -5.54 -17.21
C ALA B 195 33.81 -4.21 -16.46
N ILE B 196 33.00 -4.25 -15.40
CA ILE B 196 32.74 -3.02 -14.65
C ILE B 196 33.97 -2.58 -13.81
N LYS B 197 34.74 -3.54 -13.33
CA LYS B 197 35.97 -3.23 -12.61
C LYS B 197 36.98 -2.55 -13.54
N SER B 198 37.03 -2.99 -14.79
CA SER B 198 38.06 -2.54 -15.74
C SER B 198 37.61 -1.32 -16.53
N GLY B 199 36.31 -1.05 -16.51
CA GLY B 199 35.76 0.10 -17.21
C GLY B 199 35.22 -0.20 -18.59
N ASP B 200 35.27 -1.46 -19.00
CA ASP B 200 34.68 -1.88 -20.25
C ASP B 200 33.18 -1.60 -20.30
N ILE B 201 32.53 -1.65 -19.12
CA ILE B 201 31.14 -1.22 -18.94
C ILE B 201 31.06 -0.32 -17.73
N ASN B 202 29.98 0.45 -17.62
CA ASN B 202 29.72 1.22 -16.39
C ASN B 202 28.33 0.94 -15.77
N LEU B 203 27.59 0.02 -16.37
CA LEU B 203 26.26 -0.34 -15.87
C LEU B 203 26.00 -1.83 -16.10
N LEU B 204 25.43 -2.50 -15.08
CA LEU B 204 25.02 -3.91 -15.22
C LEU B 204 23.69 -4.18 -14.51
N ASP B 205 23.12 -5.35 -14.77
CA ASP B 205 21.92 -5.83 -14.08
C ASP B 205 22.36 -6.84 -13.03
N ALA B 206 21.59 -6.93 -11.96
CA ALA B 206 21.82 -7.94 -10.93
C ALA B 206 20.53 -8.12 -10.14
N TYR B 207 20.56 -8.92 -9.07
CA TYR B 207 19.51 -8.87 -8.08
C TYR B 207 19.98 -7.99 -6.92
N SER B 208 19.04 -7.28 -6.31
N SER B 208 19.07 -7.24 -6.33
CA SER B 208 19.33 -6.19 -5.37
CA SER B 208 19.43 -6.16 -5.40
C SER B 208 20.16 -6.56 -4.13
C SER B 208 20.29 -6.59 -4.21
N THR B 209 20.09 -7.81 -3.71
CA THR B 209 20.83 -8.22 -2.53
C THR B 209 22.10 -9.01 -2.86
N ASP B 210 22.46 -9.10 -4.13
CA ASP B 210 23.61 -9.91 -4.49
C ASP B 210 24.91 -9.40 -3.85
N SER B 211 25.70 -10.32 -3.29
CA SER B 211 26.93 -9.94 -2.61
C SER B 211 27.93 -9.26 -3.53
N GLU B 212 27.87 -9.57 -4.83
CA GLU B 212 28.80 -9.01 -5.81
C GLU B 212 28.66 -7.50 -5.90
N LEU B 213 27.45 -7.01 -5.69
CA LEU B 213 27.23 -5.57 -5.68
C LEU B 213 28.03 -4.86 -4.58
N ALA B 214 28.11 -5.50 -3.40
CA ALA B 214 28.94 -4.97 -2.32
C ALA B 214 30.43 -5.17 -2.61
N GLN B 215 30.79 -6.36 -3.08
CA GLN B 215 32.17 -6.71 -3.35
C GLN B 215 32.83 -5.77 -4.36
N TYR B 216 32.07 -5.40 -5.39
CA TYR B 216 32.56 -4.54 -6.46
C TYR B 216 32.27 -3.07 -6.21
N LYS B 217 31.75 -2.76 -5.03
CA LYS B 217 31.60 -1.38 -4.56
C LYS B 217 30.82 -0.53 -5.57
N LEU B 218 29.79 -1.14 -6.13
CA LEU B 218 28.94 -0.51 -7.10
C LEU B 218 27.83 0.32 -6.45
N LYS B 219 27.32 1.28 -7.20
CA LYS B 219 26.22 2.13 -6.75
C LYS B 219 24.96 1.52 -7.28
N VAL B 220 24.13 1.01 -6.38
CA VAL B 220 22.88 0.36 -6.76
C VAL B 220 21.80 1.42 -6.87
N LEU B 221 21.21 1.54 -8.05
CA LEU B 221 20.29 2.63 -8.32
C LEU B 221 18.91 2.26 -7.82
N GLU B 222 18.18 3.26 -7.35
CA GLU B 222 16.79 3.09 -6.99
C GLU B 222 15.89 2.90 -8.22
N ASP B 223 14.98 1.95 -8.12
CA ASP B 223 13.96 1.71 -9.13
C ASP B 223 12.75 2.61 -8.81
N ASP B 224 12.93 3.89 -9.07
CA ASP B 224 11.98 4.90 -8.66
C ASP B 224 10.61 4.81 -9.36
N GLN B 225 10.53 4.07 -10.46
CA GLN B 225 9.26 3.84 -11.17
C GLN B 225 8.60 2.48 -10.89
N GLN B 226 9.20 1.70 -10.01
CA GLN B 226 8.65 0.41 -9.60
C GLN B 226 8.37 -0.51 -10.79
N LEU B 227 9.34 -0.60 -11.69
CA LEU B 227 9.25 -1.47 -12.84
C LEU B 227 9.34 -2.93 -12.42
N PHE B 228 10.21 -3.20 -11.45
CA PHE B 228 10.52 -4.56 -11.08
C PHE B 228 9.51 -5.06 -10.05
N PRO B 229 9.08 -6.32 -10.18
CA PRO B 229 8.14 -6.85 -9.21
C PRO B 229 8.79 -7.05 -7.84
N PRO B 230 8.03 -6.81 -6.76
CA PRO B 230 8.67 -6.95 -5.44
C PRO B 230 8.77 -8.39 -4.95
N TYR B 231 9.87 -8.65 -4.24
CA TYR B 231 10.14 -9.91 -3.56
C TYR B 231 10.69 -9.60 -2.18
N GLN B 232 9.81 -9.54 -1.19
CA GLN B 232 10.24 -9.33 0.20
C GLN B 232 10.08 -10.65 0.90
N GLY B 233 10.99 -10.92 1.82
CA GLY B 233 10.92 -12.15 2.58
C GLY B 233 10.05 -12.02 3.82
N ALA B 234 9.39 -13.11 4.16
CA ALA B 234 8.64 -13.20 5.41
C ALA B 234 8.50 -14.64 5.83
N PRO B 235 8.26 -14.86 7.13
CA PRO B 235 8.11 -16.24 7.60
C PRO B 235 6.80 -16.87 7.12
N LEU B 236 6.88 -18.11 6.63
CA LEU B 236 5.71 -18.83 6.14
C LEU B 236 5.53 -20.13 6.93
N MET B 237 4.32 -20.37 7.40
N MET B 237 4.32 -20.38 7.40
CA MET B 237 4.02 -21.59 8.14
CA MET B 237 4.03 -21.58 8.18
C MET B 237 2.56 -21.97 7.96
C MET B 237 2.56 -21.97 7.96
N LEU B 238 2.23 -23.22 8.25
CA LEU B 238 0.81 -23.60 8.29
C LEU B 238 0.19 -22.84 9.48
N THR B 239 -1.04 -22.36 9.29
CA THR B 239 -1.75 -21.71 10.36
C THR B 239 -1.86 -22.60 11.60
N LYS B 240 -2.03 -23.91 11.40
CA LYS B 240 -2.16 -24.82 12.56
C LYS B 240 -0.90 -24.81 13.44
N THR B 241 0.24 -24.49 12.85
CA THR B 241 1.49 -24.41 13.63
C THR B 241 1.46 -23.20 14.55
N LEU B 242 0.94 -22.10 14.06
CA LEU B 242 0.92 -20.91 14.88
C LEU B 242 -0.14 -21.11 15.96
N ASP B 243 -1.21 -21.82 15.64
CA ASP B 243 -2.23 -22.13 16.67
C ASP B 243 -1.63 -22.97 17.80
N LYS B 244 -0.75 -23.90 17.45
CA LYS B 244 -0.11 -24.77 18.42
C LYS B 244 0.98 -24.06 19.22
N TYR B 245 1.69 -23.14 18.56
CA TYR B 245 2.80 -22.43 19.17
C TYR B 245 2.63 -20.92 18.96
N PRO B 246 1.64 -20.33 19.63
CA PRO B 246 1.37 -18.89 19.46
C PRO B 246 2.56 -18.01 19.83
N GLU B 247 3.44 -18.53 20.67
CA GLU B 247 4.61 -17.80 21.09
C GLU B 247 5.64 -17.58 19.99
N LEU B 248 5.43 -18.19 18.82
CA LEU B 248 6.32 -17.95 17.68
C LEU B 248 6.12 -16.58 17.07
N LYS B 249 4.95 -15.97 17.27
CA LYS B 249 4.61 -14.81 16.46
C LYS B 249 5.45 -13.58 16.83
N LYS B 250 5.52 -13.25 18.12
CA LYS B 250 6.26 -12.06 18.51
C LYS B 250 7.76 -12.07 18.13
N PRO B 251 8.49 -13.18 18.40
CA PRO B 251 9.91 -13.14 17.99
C PRO B 251 10.10 -13.00 16.50
N LEU B 252 9.34 -13.72 15.70
CA LEU B 252 9.49 -13.62 14.25
C LEU B 252 9.14 -12.21 13.77
N ASN B 253 8.11 -11.62 14.33
CA ASN B 253 7.74 -10.28 13.88
C ASN B 253 8.73 -9.19 14.35
N LYS B 254 9.72 -9.57 15.18
CA LYS B 254 10.79 -8.62 15.51
C LYS B 254 11.59 -8.19 14.26
N LEU B 255 11.53 -9.00 13.21
CA LEU B 255 12.23 -8.70 11.97
C LEU B 255 11.36 -7.93 10.97
N ALA B 256 10.10 -7.66 11.32
CA ALA B 256 9.22 -6.93 10.40
C ALA B 256 9.82 -5.57 10.12
N GLY B 257 9.95 -5.24 8.83
CA GLY B 257 10.40 -3.93 8.44
C GLY B 257 11.88 -3.69 8.66
N LYS B 258 12.61 -4.75 9.01
CA LYS B 258 14.05 -4.70 9.23
C LYS B 258 14.83 -5.28 8.03
N ILE B 259 16.11 -4.92 7.99
CA ILE B 259 17.10 -5.37 7.01
C ILE B 259 16.90 -4.67 5.67
N THR B 260 17.66 -3.62 5.44
CA THR B 260 17.61 -2.89 4.18
C THR B 260 18.28 -3.71 3.08
N ASP B 261 18.08 -3.31 1.83
CA ASP B 261 18.78 -3.95 0.74
C ASP B 261 20.29 -3.94 0.99
N ASP B 262 20.82 -2.79 1.40
CA ASP B 262 22.25 -2.70 1.61
C ASP B 262 22.74 -3.60 2.77
N GLU B 263 21.95 -3.66 3.84
CA GLU B 263 22.30 -4.54 4.94
C GLU B 263 22.33 -6.01 4.50
N MET B 264 21.36 -6.40 3.67
CA MET B 264 21.33 -7.78 3.17
C MET B 264 22.52 -8.06 2.24
N ARG B 265 22.84 -7.12 1.36
CA ARG B 265 24.03 -7.23 0.50
C ARG B 265 25.28 -7.47 1.35
N LYS B 266 25.43 -6.66 2.37
CA LYS B 266 26.60 -6.78 3.25
C LYS B 266 26.67 -8.11 3.99
N MET B 267 25.54 -8.61 4.46
CA MET B 267 25.53 -9.90 5.14
C MET B 267 25.85 -11.03 4.15
N ASN B 268 25.25 -10.97 2.95
CA ASN B 268 25.58 -11.94 1.92
C ASN B 268 27.06 -11.94 1.58
N TYR B 269 27.66 -10.75 1.57
CA TYR B 269 29.10 -10.60 1.36
C TYR B 269 29.92 -11.26 2.46
N GLU B 270 29.52 -11.06 3.72
CA GLU B 270 30.24 -11.66 4.84
C GLU B 270 30.30 -13.18 4.69
N VAL B 271 29.20 -13.80 4.28
CA VAL B 271 29.18 -15.25 4.07
C VAL B 271 29.90 -15.67 2.78
N ASN B 272 29.53 -15.07 1.66
CA ASN B 272 30.05 -15.51 0.37
C ASN B 272 31.50 -15.14 0.10
N VAL B 273 31.93 -13.97 0.54
CA VAL B 273 33.29 -13.51 0.28
C VAL B 273 34.18 -13.72 1.50
N ASN B 274 33.70 -13.35 2.68
CA ASN B 274 34.57 -13.42 3.86
C ASN B 274 34.56 -14.78 4.54
N GLY B 275 33.68 -15.68 4.13
CA GLY B 275 33.69 -17.03 4.67
C GLY B 275 33.17 -17.14 6.10
N LYS B 276 32.44 -16.14 6.57
CA LYS B 276 31.80 -16.24 7.88
C LYS B 276 30.62 -17.17 7.81
N SER B 277 30.26 -17.79 8.94
CA SER B 277 29.08 -18.66 8.91
C SER B 277 27.84 -17.81 8.92
N ALA B 278 26.78 -18.32 8.31
CA ALA B 278 25.49 -17.63 8.31
C ALA B 278 25.04 -17.39 9.75
N TYR B 279 25.35 -18.30 10.66
CA TYR B 279 24.94 -18.10 12.05
C TYR B 279 25.61 -16.87 12.64
N THR B 280 26.91 -16.75 12.45
CA THR B 280 27.68 -15.65 13.00
C THR B 280 27.20 -14.33 12.43
N VAL B 281 26.94 -14.34 11.12
CA VAL B 281 26.49 -13.11 10.45
C VAL B 281 25.10 -12.68 10.96
N ALA B 282 24.19 -13.64 11.06
CA ALA B 282 22.87 -13.39 11.68
C ALA B 282 22.98 -12.84 13.10
N LYS B 283 23.81 -13.47 13.89
CA LYS B 283 23.97 -13.07 15.29
C LYS B 283 24.54 -11.67 15.41
N ASP B 284 25.58 -11.38 14.63
CA ASP B 284 26.18 -10.06 14.64
C ASP B 284 25.14 -8.99 14.30
N TYR B 285 24.28 -9.29 13.32
CA TYR B 285 23.30 -8.29 12.87
C TYR B 285 22.29 -8.04 13.99
N LEU B 286 21.76 -9.12 14.54
CA LEU B 286 20.75 -9.00 15.59
C LEU B 286 21.30 -8.30 16.84
N LYS B 287 22.55 -8.57 17.19
CA LYS B 287 23.15 -7.87 18.32
C LYS B 287 23.30 -6.38 18.00
N ASP B 288 23.73 -6.07 16.78
CA ASP B 288 23.94 -4.67 16.41
C ASP B 288 22.64 -3.86 16.42
N GLN B 289 21.55 -4.52 16.09
CA GLN B 289 20.23 -3.91 16.10
C GLN B 289 19.57 -3.89 17.47
N GLY B 290 20.21 -4.50 18.47
CA GLY B 290 19.65 -4.63 19.80
C GLY B 290 18.46 -5.56 19.88
N ILE B 291 18.30 -6.45 18.91
CA ILE B 291 17.16 -7.35 18.91
C ILE B 291 17.41 -8.49 19.87
N ILE B 292 18.66 -8.91 19.96
CA ILE B 292 19.08 -9.85 21.01
C ILE B 292 20.25 -9.28 21.79
N LYS B 293 20.34 -9.78 23.04
CA LYS B 293 21.52 -9.77 23.92
C LYS B 293 21.78 -8.43 24.62
C1 PPI C . -16.42 14.67 -1.45
C2 PPI C . -17.22 15.00 -2.69
C3 PPI C . -18.36 14.03 -2.87
O1 PPI C . -15.91 13.54 -1.32
O2 PPI C . -16.24 15.54 -0.56
C1 PPI D . -22.18 12.12 4.32
C2 PPI D . -20.93 11.26 4.26
C3 PPI D . -19.73 12.14 3.97
O1 PPI D . -23.26 11.63 4.72
O2 PPI D . -22.13 13.33 3.97
C1 PPI E . -17.54 22.84 6.42
C2 PPI E . -18.74 22.06 5.93
C3 PPI E . -18.27 21.05 4.90
O1 PPI E . -16.38 22.34 6.33
O2 PPI E . -17.71 24.00 6.91
OH2 1PE F . -14.50 22.46 11.42
C12 1PE F . -14.32 21.24 10.71
C22 1PE F . -14.95 21.34 9.34
OH3 1PE F . -15.94 20.31 9.29
C13 1PE F . -18.22 19.92 8.86
C23 1PE F . -17.22 20.85 9.49
OH4 1PE F . -17.65 19.22 7.76
C14 1PE F . -19.04 17.73 6.52
C24 1PE F . -18.60 19.16 6.74
OH5 1PE F . -20.05 17.41 7.47
C15 1PE F . -19.63 15.11 7.91
C25 1PE F . -20.58 16.12 7.28
OH6 1PE F . -19.73 15.24 9.32
C16 1PE F . -17.57 14.76 10.23
C26 1PE F . -18.57 15.83 9.87
OH7 1PE F . -16.73 14.57 9.10
C1 PEG G . -24.88 13.92 6.70
O1 PEG G . -23.51 14.22 6.54
C2 PEG G . -25.70 15.06 6.19
O2 PEG G . -27.01 14.62 5.90
C3 PEG G . -27.97 15.08 6.85
C4 PEG G . -29.04 14.02 6.98
O4 PEG G . -28.47 12.78 6.64
C1 PPI H . 15.26 -15.01 0.90
C2 PPI H . 13.98 -15.66 1.38
C3 PPI H . 12.95 -14.64 1.81
O1 PPI H . 16.09 -15.71 0.25
O2 PPI H . 15.53 -13.79 1.12
OH2 1PE I . 28.26 -19.84 -4.17
C12 1PE I . 27.79 -19.93 -5.52
C22 1PE I . 26.31 -19.60 -5.53
OH3 1PE I . 25.81 -19.48 -6.84
C13 1PE I . 23.87 -18.53 -7.84
C23 1PE I . 24.41 -19.46 -6.78
OH4 1PE I . 22.52 -18.88 -8.01
C14 1PE I . 20.28 -18.86 -7.20
C24 1PE I . 21.68 -18.27 -7.06
OH5 1PE I . 19.31 -17.85 -7.48
C15 1PE I . 17.01 -17.26 -7.51
C25 1PE I . 18.04 -18.29 -7.08
OH6 1PE I . 16.48 -17.66 -8.77
C16 1PE I . 18.07 -16.26 -9.95
C26 1PE I . 16.63 -16.72 -9.82
OH7 1PE I . 18.41 -15.39 -8.88
C1 PEG J . 23.05 -21.57 -4.15
O1 PEG J . 22.55 -22.42 -5.19
C2 PEG J . 22.14 -20.33 -4.10
O2 PEG J . 21.27 -20.37 -5.25
C3 PEG J . 19.96 -20.95 -5.04
C4 PEG J . 19.70 -22.03 -6.08
O4 PEG J . 20.92 -22.37 -6.73
#